data_3UWO
#
_entry.id   3UWO
#
_cell.length_a   46.265
_cell.length_b   56.012
_cell.length_c   82.068
_cell.angle_alpha   90.00
_cell.angle_beta   95.30
_cell.angle_gamma   90.00
#
_symmetry.space_group_name_H-M   'P 1 21 1'
#
loop_
_entity.id
_entity.type
_entity.pdbx_description
1 polymer 'Thymidylate kinase'
2 non-polymer 3-(1-methyl-2-oxo-2,3-dihydro-1H-imidazo[4,5-b]pyridin-6-yl)benzamide
3 water water
#
_entity_poly.entity_id   1
_entity_poly.type   'polypeptide(L)'
_entity_poly.pdbx_seq_one_letter_code
;GLVPRGSHMTGLFVTLEGPEGAGKSTNRDYLAERLRERGIEVQLTREPGGTPLAERIRELLLAPSDEPMAADTELLLMFA
ARAQHLAGVIRPALARGAVVLCDRFTDATYAYQGGGRGLPEARIAALESFVQGDLRPDLTLVFDLPVEIGLARAAARGRL
DRFEQEDRRFFEAVRQTYLQRAAQAPERYQVLDAGLPLAEVQAGLDRLLPNLLERLNGGS
;
_entity_poly.pdbx_strand_id   A,B
#
loop_
_chem_comp.id
_chem_comp.type
_chem_comp.name
_chem_comp.formula
0DJ non-polymer 3-(1-methyl-2-oxo-2,3-dihydro-1H-imidazo[4,5-b]pyridin-6-yl)benzamide 'C14 H12 N4 O2'
#
# COMPACT_ATOMS: atom_id res chain seq x y z
N GLY A 11 -21.26 -16.41 -8.19
CA GLY A 11 -20.09 -16.50 -9.05
C GLY A 11 -19.06 -17.39 -8.41
N LEU A 12 -17.90 -17.49 -9.02
CA LEU A 12 -16.85 -18.35 -8.49
C LEU A 12 -15.57 -17.57 -8.67
N PHE A 13 -14.71 -17.58 -7.66
CA PHE A 13 -13.45 -16.81 -7.73
C PHE A 13 -12.35 -17.85 -7.82
N VAL A 14 -11.74 -17.91 -8.99
CA VAL A 14 -10.66 -18.83 -9.23
C VAL A 14 -9.35 -18.07 -9.45
N THR A 15 -8.31 -18.42 -8.71
CA THR A 15 -7.02 -17.75 -8.94
C THR A 15 -6.02 -18.77 -9.53
N LEU A 16 -5.07 -18.25 -10.30
CA LEU A 16 -4.04 -19.05 -10.94
C LEU A 16 -2.70 -18.56 -10.45
N GLU A 17 -1.87 -19.47 -9.97
CA GLU A 17 -0.62 -19.05 -9.34
C GLU A 17 0.55 -19.79 -9.94
N GLY A 18 1.68 -19.10 -10.06
CA GLY A 18 2.83 -19.76 -10.63
C GLY A 18 3.71 -18.79 -11.36
N PRO A 19 4.91 -19.23 -11.75
CA PRO A 19 5.85 -18.30 -12.38
C PRO A 19 5.51 -18.06 -13.84
N GLU A 20 6.21 -17.11 -14.44
CA GLU A 20 6.02 -16.90 -15.85
C GLU A 20 6.65 -18.17 -16.48
N GLY A 21 6.30 -18.49 -17.72
CA GLY A 21 6.89 -19.65 -18.37
C GLY A 21 6.26 -21.00 -18.03
N ALA A 22 5.23 -20.97 -17.19
CA ALA A 22 4.55 -22.20 -16.77
C ALA A 22 3.23 -22.47 -17.48
N GLY A 23 2.94 -21.72 -18.55
CA GLY A 23 1.74 -21.89 -19.35
C GLY A 23 0.44 -21.45 -18.69
N LYS A 24 0.56 -20.62 -17.64
CA LYS A 24 -0.62 -20.12 -16.95
C LYS A 24 -1.59 -19.37 -17.88
N SER A 25 -1.06 -18.51 -18.74
CA SER A 25 -1.94 -17.73 -19.59
C SER A 25 -2.72 -18.54 -20.61
N THR A 26 -2.04 -19.43 -21.31
CA THR A 26 -2.73 -20.25 -22.28
C THR A 26 -3.71 -21.16 -21.58
N ASN A 27 -3.36 -21.63 -20.39
CA ASN A 27 -4.27 -22.52 -19.65
C ASN A 27 -5.45 -21.74 -19.12
N ARG A 28 -5.23 -20.49 -18.72
CA ARG A 28 -6.39 -19.68 -18.32
C ARG A 28 -7.37 -19.51 -19.51
N ASP A 29 -6.84 -19.27 -20.71
CA ASP A 29 -7.70 -19.09 -21.90
C ASP A 29 -8.50 -20.38 -22.18
N TYR A 30 -7.84 -21.50 -21.98
CA TYR A 30 -8.45 -22.80 -22.21
C TYR A 30 -9.60 -22.99 -21.26
N LEU A 31 -9.35 -22.75 -19.98
CA LEU A 31 -10.42 -22.85 -19.01
C LEU A 31 -11.56 -21.86 -19.31
N ALA A 32 -11.22 -20.62 -19.70
CA ALA A 32 -12.27 -19.63 -19.98
C ALA A 32 -13.19 -20.11 -21.11
N GLU A 33 -12.59 -20.70 -22.12
CA GLU A 33 -13.35 -21.20 -23.29
C GLU A 33 -14.28 -22.37 -22.92
N ARG A 34 -13.78 -23.34 -22.13
CA ARG A 34 -14.58 -24.45 -21.64
C ARG A 34 -15.77 -23.99 -20.78
N LEU A 35 -15.58 -22.90 -20.02
CA LEU A 35 -16.71 -22.36 -19.26
C LEU A 35 -17.65 -21.55 -20.15
N ARG A 36 -17.11 -20.72 -21.04
CA ARG A 36 -17.98 -19.86 -21.85
C ARG A 36 -18.80 -20.71 -22.83
N GLU A 37 -18.25 -21.83 -23.27
CA GLU A 37 -18.99 -22.72 -24.18
C GLU A 37 -20.18 -23.37 -23.48
N ARG A 38 -20.14 -23.42 -22.16
CA ARG A 38 -21.22 -23.96 -21.37
C ARG A 38 -22.16 -22.86 -20.90
N GLY A 39 -22.04 -21.67 -21.50
CA GLY A 39 -22.90 -20.53 -21.20
C GLY A 39 -22.68 -19.89 -19.82
N ILE A 40 -21.44 -20.00 -19.33
CA ILE A 40 -21.07 -19.38 -18.04
C ILE A 40 -20.28 -18.09 -18.35
N GLU A 41 -20.62 -16.99 -17.67
CA GLU A 41 -19.92 -15.71 -17.90
C GLU A 41 -18.58 -15.79 -17.16
N VAL A 42 -17.51 -15.38 -17.84
CA VAL A 42 -16.17 -15.44 -17.28
C VAL A 42 -15.52 -14.08 -17.44
N GLN A 43 -14.86 -13.62 -16.38
CA GLN A 43 -14.13 -12.35 -16.40
C GLN A 43 -12.67 -12.69 -16.15
N LEU A 44 -11.78 -12.31 -17.07
CA LEU A 44 -10.35 -12.54 -16.87
C LEU A 44 -9.70 -11.32 -16.25
N THR A 45 -8.83 -11.52 -15.28
CA THR A 45 -8.12 -10.39 -14.69
C THR A 45 -6.77 -10.82 -14.14
N ARG A 46 -5.97 -9.86 -13.63
CA ARG A 46 -4.63 -10.17 -13.11
C ARG A 46 -4.22 -9.22 -12.01
N GLU A 47 -3.30 -9.69 -11.15
CA GLU A 47 -2.75 -8.87 -10.06
C GLU A 47 -1.22 -8.89 -10.05
N PRO A 48 -0.60 -7.74 -9.72
CA PRO A 48 -1.27 -6.48 -9.39
C PRO A 48 -1.79 -5.91 -10.72
N GLY A 49 -2.88 -5.15 -10.70
CA GLY A 49 -3.48 -4.65 -11.95
C GLY A 49 -4.97 -4.91 -11.99
N GLY A 50 -5.55 -4.83 -13.18
CA GLY A 50 -6.97 -5.09 -13.32
C GLY A 50 -7.90 -3.87 -13.37
N THR A 51 -7.38 -2.68 -13.04
CA THR A 51 -8.15 -1.44 -13.13
C THR A 51 -7.12 -0.40 -13.50
N PRO A 52 -7.57 0.76 -13.97
CA PRO A 52 -6.56 1.76 -14.36
C PRO A 52 -5.56 2.13 -13.25
N LEU A 53 -6.04 2.39 -12.06
CA LEU A 53 -5.15 2.77 -10.95
C LEU A 53 -4.31 1.56 -10.58
N ALA A 54 -4.95 0.38 -10.50
CA ALA A 54 -4.15 -0.80 -10.15
C ALA A 54 -3.06 -1.06 -11.17
N GLU A 55 -3.34 -0.77 -12.43
CA GLU A 55 -2.27 -0.99 -13.44
C GLU A 55 -1.13 0.03 -13.31
N ARG A 56 -1.45 1.23 -12.84
CA ARG A 56 -0.42 2.23 -12.58
C ARG A 56 0.44 1.73 -11.40
N ILE A 57 -0.22 1.10 -10.43
CA ILE A 57 0.52 0.51 -9.30
C ILE A 57 1.40 -0.65 -9.80
N ARG A 58 0.86 -1.50 -10.70
CA ARG A 58 1.63 -2.61 -11.27
C ARG A 58 2.91 -2.05 -11.91
N GLU A 59 2.74 -0.97 -12.66
CA GLU A 59 3.90 -0.34 -13.31
C GLU A 59 4.99 0.03 -12.30
N LEU A 60 4.63 0.64 -11.16
CA LEU A 60 5.66 0.97 -10.17
C LEU A 60 6.30 -0.30 -9.60
N LEU A 61 5.51 -1.34 -9.41
CA LEU A 61 6.08 -2.55 -8.83
C LEU A 61 7.00 -3.30 -9.80
N LEU A 62 6.77 -3.18 -11.09
CA LEU A 62 7.58 -3.93 -12.05
C LEU A 62 8.77 -3.14 -12.60
N ALA A 63 8.67 -1.83 -12.65
CA ALA A 63 9.75 -1.02 -13.26
C ALA A 63 11.08 -1.05 -12.54
N PRO A 64 12.16 -1.48 -13.24
CA PRO A 64 13.37 -1.42 -12.40
C PRO A 64 13.80 0.03 -12.17
N SER A 65 14.54 0.25 -11.08
CA SER A 65 14.97 1.61 -10.74
C SER A 65 16.30 1.53 -10.02
N ASP A 66 17.06 2.63 -10.02
CA ASP A 66 18.31 2.65 -9.30
C ASP A 66 18.05 2.82 -7.80
N GLU A 67 16.81 3.11 -7.43
CA GLU A 67 16.48 3.24 -6.01
C GLU A 67 15.88 1.90 -5.58
N PRO A 68 16.49 1.21 -4.62
CA PRO A 68 15.88 -0.08 -4.22
C PRO A 68 14.51 0.16 -3.54
N MET A 69 13.58 -0.75 -3.79
CA MET A 69 12.25 -0.64 -3.14
C MET A 69 12.30 -1.43 -1.86
N ALA A 70 11.87 -0.85 -0.75
CA ALA A 70 11.81 -1.56 0.51
C ALA A 70 10.84 -2.73 0.37
N ALA A 71 11.11 -3.81 1.10
CA ALA A 71 10.20 -4.95 1.04
C ALA A 71 8.78 -4.54 1.56
N ASP A 72 8.72 -3.75 2.65
CA ASP A 72 7.44 -3.30 3.20
C ASP A 72 6.70 -2.50 2.14
N THR A 73 7.42 -1.69 1.35
CA THR A 73 6.79 -0.91 0.27
C THR A 73 6.15 -1.86 -0.76
N GLU A 74 6.90 -2.86 -1.18
CA GLU A 74 6.42 -3.86 -2.18
C GLU A 74 5.17 -4.56 -1.70
N LEU A 75 5.18 -4.97 -0.43
CA LEU A 75 4.00 -5.63 0.17
C LEU A 75 2.79 -4.70 0.18
N LEU A 76 3.02 -3.46 0.67
CA LEU A 76 1.91 -2.49 0.78
C LEU A 76 1.34 -2.08 -0.59
N LEU A 77 2.20 -1.92 -1.58
CA LEU A 77 1.73 -1.61 -2.97
C LEU A 77 0.91 -2.81 -3.53
N MET A 78 1.35 -4.05 -3.26
CA MET A 78 0.60 -5.24 -3.73
C MET A 78 -0.80 -5.23 -3.14
N PHE A 79 -0.90 -4.97 -1.84
CA PHE A 79 -2.22 -4.92 -1.23
C PHE A 79 -3.05 -3.70 -1.63
N ALA A 80 -2.40 -2.56 -1.89
CA ALA A 80 -3.15 -1.38 -2.29
C ALA A 80 -3.82 -1.72 -3.63
N ALA A 81 -3.06 -2.30 -4.55
CA ALA A 81 -3.60 -2.66 -5.87
C ALA A 81 -4.74 -3.69 -5.64
N ARG A 82 -4.54 -4.62 -4.71
CA ARG A 82 -5.60 -5.64 -4.39
C ARG A 82 -6.89 -4.96 -3.92
N ALA A 83 -6.78 -4.06 -2.95
CA ALA A 83 -7.97 -3.35 -2.46
C ALA A 83 -8.74 -2.68 -3.60
N GLN A 84 -8.04 -2.02 -4.52
CA GLN A 84 -8.72 -1.34 -5.63
C GLN A 84 -9.39 -2.34 -6.59
N HIS A 85 -8.66 -3.39 -6.90
CA HIS A 85 -9.13 -4.42 -7.84
C HIS A 85 -10.32 -5.21 -7.26
N LEU A 86 -10.32 -5.40 -5.94
CA LEU A 86 -11.44 -6.11 -5.32
C LEU A 86 -12.72 -5.30 -5.42
N ALA A 87 -12.61 -4.01 -5.14
CA ALA A 87 -13.78 -3.13 -5.16
C ALA A 87 -14.24 -2.81 -6.57
N GLY A 88 -13.29 -2.68 -7.49
CA GLY A 88 -13.62 -2.26 -8.85
C GLY A 88 -14.00 -3.35 -9.81
N VAL A 89 -13.48 -4.56 -9.56
CA VAL A 89 -13.65 -5.65 -10.51
C VAL A 89 -14.11 -6.96 -9.93
N ILE A 90 -13.38 -7.46 -8.94
CA ILE A 90 -13.69 -8.79 -8.43
C ILE A 90 -15.06 -8.91 -7.74
N ARG A 91 -15.33 -8.05 -6.76
CA ARG A 91 -16.62 -8.15 -6.07
C ARG A 91 -17.81 -7.90 -7.03
N PRO A 92 -17.72 -6.90 -7.91
CA PRO A 92 -18.82 -6.69 -8.88
C PRO A 92 -19.01 -7.91 -9.78
N ALA A 93 -17.91 -8.53 -10.22
CA ALA A 93 -18.01 -9.69 -11.10
C ALA A 93 -18.68 -10.84 -10.35
N LEU A 94 -18.27 -11.07 -9.10
CA LEU A 94 -18.84 -12.17 -8.35
C LEU A 94 -20.32 -11.92 -8.11
N ALA A 95 -20.67 -10.65 -7.92
CA ALA A 95 -22.09 -10.27 -7.64
C ALA A 95 -23.02 -10.47 -8.85
N ARG A 96 -22.44 -10.45 -10.05
CA ARG A 96 -23.19 -10.66 -11.31
C ARG A 96 -23.31 -12.18 -11.52
N GLY A 97 -22.61 -12.98 -10.70
CA GLY A 97 -22.56 -14.41 -10.86
C GLY A 97 -21.50 -14.91 -11.87
N ALA A 98 -20.52 -14.07 -12.19
CA ALA A 98 -19.49 -14.47 -13.13
C ALA A 98 -18.42 -15.35 -12.47
N VAL A 99 -17.69 -16.11 -13.28
CA VAL A 99 -16.53 -16.84 -12.83
C VAL A 99 -15.39 -15.87 -13.08
N VAL A 100 -14.64 -15.54 -12.04
CA VAL A 100 -13.44 -14.69 -12.21
C VAL A 100 -12.24 -15.61 -12.30
N LEU A 101 -11.40 -15.45 -13.33
CA LEU A 101 -10.18 -16.24 -13.49
C LEU A 101 -9.07 -15.20 -13.35
N CYS A 102 -8.51 -15.13 -12.13
CA CYS A 102 -7.53 -14.09 -11.77
C CYS A 102 -6.09 -14.61 -11.79
N ASP A 103 -5.24 -13.99 -12.60
CA ASP A 103 -3.83 -14.41 -12.67
C ASP A 103 -3.09 -13.74 -11.49
N ARG A 104 -2.82 -14.53 -10.46
CA ARG A 104 -2.14 -14.17 -9.19
C ARG A 104 -3.01 -13.42 -8.21
N PHE A 105 -2.84 -13.74 -6.93
CA PHE A 105 -3.66 -13.10 -5.91
C PHE A 105 -2.90 -13.35 -4.61
N THR A 106 -3.57 -13.33 -3.47
CA THR A 106 -2.85 -13.29 -2.17
C THR A 106 -1.87 -14.43 -1.93
N ASP A 107 -2.06 -15.59 -2.59
CA ASP A 107 -1.05 -16.65 -2.43
C ASP A 107 0.27 -16.16 -3.00
N ALA A 108 0.23 -15.36 -4.06
CA ALA A 108 1.48 -14.77 -4.61
C ALA A 108 2.09 -13.86 -3.52
N THR A 109 1.27 -13.20 -2.70
CA THR A 109 1.83 -12.32 -1.65
C THR A 109 2.61 -13.18 -0.64
N TYR A 110 1.98 -14.26 -0.18
CA TYR A 110 2.72 -15.17 0.71
C TYR A 110 3.98 -15.68 0.07
N ALA A 111 3.93 -16.04 -1.22
CA ALA A 111 5.07 -16.64 -1.89
C ALA A 111 6.20 -15.67 -2.21
N TYR A 112 5.85 -14.57 -2.87
CA TYR A 112 6.84 -13.59 -3.30
C TYR A 112 7.30 -12.71 -2.15
N GLN A 113 6.35 -12.09 -1.45
CA GLN A 113 6.73 -11.23 -0.34
C GLN A 113 7.09 -11.97 0.94
N GLY A 114 6.40 -13.05 1.26
CA GLY A 114 6.71 -13.84 2.45
C GLY A 114 7.94 -14.70 2.22
N GLY A 115 7.83 -15.67 1.31
CA GLY A 115 8.92 -16.56 0.97
C GLY A 115 10.10 -15.84 0.33
N GLY A 116 9.84 -15.08 -0.74
CA GLY A 116 10.87 -14.39 -1.48
C GLY A 116 11.56 -13.28 -0.71
N ARG A 117 10.77 -12.37 -0.13
CA ARG A 117 11.33 -11.23 0.59
C ARG A 117 11.56 -11.43 2.08
N GLY A 118 10.94 -12.43 2.70
CA GLY A 118 11.13 -12.67 4.11
C GLY A 118 10.19 -11.96 5.08
N LEU A 119 9.14 -11.36 4.57
CA LEU A 119 8.22 -10.64 5.42
C LEU A 119 7.42 -11.69 6.21
N PRO A 120 7.12 -11.40 7.48
CA PRO A 120 6.38 -12.36 8.33
C PRO A 120 5.02 -12.76 7.77
N GLU A 121 4.68 -14.03 7.96
CA GLU A 121 3.40 -14.54 7.52
C GLU A 121 2.25 -13.82 8.21
N ALA A 122 2.39 -13.53 9.51
CA ALA A 122 1.31 -12.90 10.26
C ALA A 122 0.99 -11.48 9.78
N ARG A 123 2.00 -10.77 9.29
CA ARG A 123 1.78 -9.42 8.77
C ARG A 123 0.97 -9.51 7.46
N ILE A 124 1.30 -10.49 6.63
CA ILE A 124 0.55 -10.74 5.38
C ILE A 124 -0.89 -11.12 5.69
N ALA A 125 -1.06 -12.03 6.66
CA ALA A 125 -2.38 -12.44 7.10
C ALA A 125 -3.23 -11.30 7.63
N ALA A 126 -2.64 -10.41 8.41
CA ALA A 126 -3.39 -9.27 8.91
C ALA A 126 -3.86 -8.37 7.76
N LEU A 127 -3.02 -8.17 6.75
CA LEU A 127 -3.39 -7.36 5.59
C LEU A 127 -4.48 -8.05 4.78
N GLU A 128 -4.35 -9.37 4.66
CA GLU A 128 -5.34 -10.17 3.90
C GLU A 128 -6.71 -9.99 4.54
N SER A 129 -6.73 -10.08 5.87
CA SER A 129 -8.01 -9.92 6.60
C SER A 129 -8.56 -8.52 6.52
N PHE A 130 -7.68 -7.52 6.56
CA PHE A 130 -8.12 -6.15 6.43
C PHE A 130 -8.72 -5.85 5.07
N VAL A 131 -7.97 -6.16 4.03
CA VAL A 131 -8.34 -5.83 2.67
C VAL A 131 -9.51 -6.68 2.14
N GLN A 132 -9.54 -7.95 2.50
CA GLN A 132 -10.48 -8.88 1.89
C GLN A 132 -11.68 -9.24 2.75
N GLY A 133 -11.61 -8.97 4.05
CA GLY A 133 -12.72 -9.43 4.86
C GLY A 133 -12.62 -10.95 4.87
N ASP A 134 -13.75 -11.65 4.68
CA ASP A 134 -13.72 -13.09 4.68
C ASP A 134 -13.58 -13.65 3.26
N LEU A 135 -13.42 -12.78 2.26
CA LEU A 135 -13.33 -13.29 0.87
C LEU A 135 -12.02 -14.01 0.58
N ARG A 136 -12.14 -15.24 0.07
CA ARG A 136 -10.98 -16.04 -0.32
C ARG A 136 -11.34 -16.67 -1.64
N PRO A 137 -10.34 -17.12 -2.40
CA PRO A 137 -10.71 -17.75 -3.67
C PRO A 137 -11.47 -19.04 -3.37
N ASP A 138 -12.39 -19.41 -4.24
CA ASP A 138 -13.08 -20.71 -4.11
C ASP A 138 -12.14 -21.83 -4.56
N LEU A 139 -11.23 -21.54 -5.49
CA LEU A 139 -10.30 -22.54 -6.01
C LEU A 139 -9.04 -21.86 -6.46
N THR A 140 -7.89 -22.44 -6.16
CA THR A 140 -6.60 -21.83 -6.60
C THR A 140 -5.80 -22.91 -7.29
N LEU A 141 -5.43 -22.64 -8.54
CA LEU A 141 -4.66 -23.57 -9.34
C LEU A 141 -3.21 -23.18 -9.29
N VAL A 142 -2.39 -24.09 -8.76
CA VAL A 142 -0.96 -23.82 -8.65
C VAL A 142 -0.25 -24.49 -9.80
N PHE A 143 0.46 -23.71 -10.62
CA PHE A 143 1.19 -24.24 -11.76
C PHE A 143 2.62 -24.45 -11.24
N ASP A 144 2.88 -25.68 -10.82
CA ASP A 144 4.17 -26.02 -10.23
C ASP A 144 5.19 -26.41 -11.31
N LEU A 145 6.33 -25.74 -11.25
CA LEU A 145 7.39 -25.91 -12.22
C LEU A 145 8.74 -25.86 -11.50
N PRO A 146 9.59 -26.90 -11.66
CA PRO A 146 10.87 -26.77 -10.98
C PRO A 146 11.62 -25.55 -11.50
N VAL A 147 12.26 -24.84 -10.58
CA VAL A 147 12.98 -23.62 -10.92
C VAL A 147 14.21 -23.97 -11.75
N ARG A 159 14.07 -5.99 -21.67
CA ARG A 159 14.56 -5.47 -20.39
C ARG A 159 13.83 -6.17 -19.25
N LEU A 160 14.56 -6.73 -18.31
CA LEU A 160 13.92 -7.47 -17.22
C LEU A 160 13.20 -6.57 -16.22
N ASP A 161 11.98 -6.96 -15.84
CA ASP A 161 11.25 -6.27 -14.77
C ASP A 161 11.77 -6.73 -13.39
N ARG A 162 11.34 -6.08 -12.32
CA ARG A 162 11.91 -6.33 -11.03
C ARG A 162 11.90 -7.76 -10.54
N PHE A 163 10.83 -8.48 -10.83
CA PHE A 163 10.73 -9.87 -10.39
C PHE A 163 11.59 -10.76 -11.30
N GLU A 164 11.57 -10.47 -12.58
CA GLU A 164 12.39 -11.22 -13.58
C GLU A 164 13.88 -11.16 -13.26
N GLN A 165 14.30 -10.13 -12.53
CA GLN A 165 15.70 -9.91 -12.20
C GLN A 165 16.13 -10.76 -11.02
N GLU A 166 15.16 -11.33 -10.33
CA GLU A 166 15.48 -12.09 -9.12
C GLU A 166 16.19 -13.40 -9.49
N ASP A 167 16.89 -13.93 -8.52
CA ASP A 167 17.71 -15.10 -8.70
C ASP A 167 17.01 -16.40 -8.37
N ARG A 168 17.70 -17.52 -8.65
CA ARG A 168 17.14 -18.84 -8.40
C ARG A 168 16.62 -19.10 -6.99
N ARG A 169 17.35 -18.65 -5.97
CA ARG A 169 16.94 -18.87 -4.60
C ARG A 169 15.58 -18.22 -4.33
N PHE A 170 15.48 -16.95 -4.71
CA PHE A 170 14.22 -16.21 -4.59
C PHE A 170 13.08 -17.08 -5.20
N PHE A 171 13.28 -17.54 -6.43
CA PHE A 171 12.26 -18.34 -7.08
C PHE A 171 12.00 -19.73 -6.47
N GLU A 172 13.02 -20.33 -5.85
CA GLU A 172 12.78 -21.63 -5.20
C GLU A 172 11.92 -21.37 -3.96
N ALA A 173 12.16 -20.23 -3.29
CA ALA A 173 11.39 -19.91 -2.10
C ALA A 173 9.94 -19.67 -2.55
N VAL A 174 9.77 -19.01 -3.69
CA VAL A 174 8.41 -18.74 -4.21
C VAL A 174 7.71 -20.07 -4.50
N ARG A 175 8.41 -20.95 -5.21
CA ARG A 175 7.85 -22.26 -5.57
C ARG A 175 7.43 -23.05 -4.35
N GLN A 176 8.32 -23.13 -3.35
CA GLN A 176 8.00 -23.97 -2.18
C GLN A 176 6.89 -23.37 -1.34
N THR A 177 6.82 -22.04 -1.32
CA THR A 177 5.76 -21.43 -0.55
C THR A 177 4.40 -21.80 -1.13
N TYR A 178 4.27 -21.77 -2.47
CA TYR A 178 2.97 -22.14 -3.04
C TYR A 178 2.62 -23.56 -2.63
N LEU A 179 3.60 -24.44 -2.65
CA LEU A 179 3.35 -25.84 -2.30
C LEU A 179 2.93 -26.03 -0.87
N GLN A 180 3.52 -25.25 0.04
CA GLN A 180 3.18 -25.32 1.46
C GLN A 180 1.75 -24.84 1.67
N ARG A 181 1.41 -23.75 0.99
CA ARG A 181 0.06 -23.19 1.14
C ARG A 181 -0.97 -24.19 0.62
N ALA A 182 -0.68 -24.82 -0.50
CA ALA A 182 -1.64 -25.78 -1.07
C ALA A 182 -1.81 -26.96 -0.14
N ALA A 183 -0.73 -27.35 0.55
CA ALA A 183 -0.79 -28.48 1.48
C ALA A 183 -1.55 -28.15 2.79
N GLN A 184 -1.57 -26.88 3.20
CA GLN A 184 -2.24 -26.45 4.43
C GLN A 184 -3.78 -26.40 4.26
N ALA A 185 -4.24 -26.06 3.05
CA ALA A 185 -5.68 -25.94 2.81
C ALA A 185 -6.06 -26.66 1.53
N PRO A 186 -5.84 -27.98 1.47
CA PRO A 186 -6.05 -28.85 0.30
C PRO A 186 -7.39 -28.71 -0.38
N GLU A 187 -8.45 -28.45 0.39
CA GLU A 187 -9.79 -28.31 -0.13
C GLU A 187 -9.97 -27.13 -1.12
N ARG A 188 -9.02 -26.21 -1.11
CA ARG A 188 -9.12 -24.98 -1.89
C ARG A 188 -8.15 -24.93 -3.09
N TYR A 189 -7.19 -25.86 -3.14
CA TYR A 189 -6.10 -25.86 -4.14
C TYR A 189 -6.06 -27.11 -5.00
N GLN A 190 -5.46 -26.97 -6.17
CA GLN A 190 -5.18 -28.11 -7.03
C GLN A 190 -3.83 -27.76 -7.61
N VAL A 191 -2.84 -28.63 -7.36
CA VAL A 191 -1.50 -28.44 -7.89
C VAL A 191 -1.35 -29.15 -9.23
N LEU A 192 -0.93 -28.40 -10.25
CA LEU A 192 -0.73 -28.95 -11.60
C LEU A 192 0.75 -28.99 -11.88
N ASP A 193 1.20 -30.07 -12.53
CA ASP A 193 2.60 -30.17 -12.87
C ASP A 193 2.87 -29.44 -14.19
N ALA A 194 3.29 -28.18 -14.09
CA ALA A 194 3.51 -27.39 -15.29
C ALA A 194 4.71 -27.82 -16.15
N GLY A 195 5.53 -28.75 -15.65
CA GLY A 195 6.69 -29.24 -16.39
C GLY A 195 6.26 -30.22 -17.48
N LEU A 196 5.05 -30.74 -17.32
CA LEU A 196 4.47 -31.69 -18.26
C LEU A 196 4.06 -30.98 -19.55
N PRO A 197 3.82 -31.77 -20.62
CA PRO A 197 3.38 -31.15 -21.88
C PRO A 197 2.05 -30.42 -21.69
N LEU A 198 1.80 -29.42 -22.54
CA LEU A 198 0.55 -28.66 -22.49
C LEU A 198 -0.66 -29.58 -22.46
N ALA A 199 -0.73 -30.48 -23.44
CA ALA A 199 -1.86 -31.39 -23.56
C ALA A 199 -2.18 -32.13 -22.26
N GLU A 200 -1.13 -32.45 -21.51
CA GLU A 200 -1.27 -33.13 -20.24
C GLU A 200 -1.88 -32.20 -19.18
N VAL A 201 -1.36 -30.97 -19.11
CA VAL A 201 -1.89 -29.99 -18.16
C VAL A 201 -3.37 -29.71 -18.45
N GLN A 202 -3.74 -29.54 -19.72
CA GLN A 202 -5.14 -29.30 -20.08
C GLN A 202 -6.05 -30.49 -19.79
N ALA A 203 -5.56 -31.70 -19.97
CA ALA A 203 -6.39 -32.85 -19.61
C ALA A 203 -6.65 -32.78 -18.10
N GLY A 204 -5.71 -32.25 -17.32
CA GLY A 204 -5.91 -32.09 -15.88
C GLY A 204 -6.98 -31.05 -15.63
N LEU A 205 -6.95 -30.00 -16.43
CA LEU A 205 -7.98 -28.98 -16.34
C LEU A 205 -9.33 -29.59 -16.72
N ASP A 206 -9.34 -30.39 -17.79
CA ASP A 206 -10.58 -31.06 -18.20
C ASP A 206 -11.16 -31.87 -17.06
N ARG A 207 -10.32 -32.58 -16.33
CA ARG A 207 -10.81 -33.45 -15.27
C ARG A 207 -11.27 -32.67 -14.07
N LEU A 208 -10.77 -31.45 -13.96
CA LEU A 208 -11.10 -30.55 -12.87
C LEU A 208 -12.43 -29.82 -13.13
N LEU A 209 -12.80 -29.70 -14.40
CA LEU A 209 -14.01 -29.00 -14.80
C LEU A 209 -15.33 -29.41 -14.13
N PRO A 210 -15.57 -30.74 -13.99
CA PRO A 210 -16.86 -31.17 -13.40
C PRO A 210 -17.15 -30.67 -12.00
N ASN A 211 -16.14 -30.64 -11.15
CA ASN A 211 -16.32 -30.13 -9.79
C ASN A 211 -16.56 -28.63 -9.84
N LEU A 212 -15.86 -27.96 -10.75
CA LEU A 212 -15.98 -26.51 -10.87
C LEU A 212 -17.43 -26.19 -11.25
N LEU A 213 -17.91 -26.83 -12.32
CA LEU A 213 -19.28 -26.63 -12.81
C LEU A 213 -20.29 -26.93 -11.72
N GLU A 214 -19.84 -27.64 -10.67
CA GLU A 214 -20.69 -27.97 -9.53
C GLU A 214 -20.51 -26.97 -8.39
N ARG A 215 -19.28 -26.49 -8.19
CA ARG A 215 -18.97 -25.57 -7.11
C ARG A 215 -19.59 -24.18 -7.32
N GLY B 11 19.53 12.53 15.98
CA GLY B 11 18.86 13.65 15.35
C GLY B 11 17.52 13.93 16.03
N LEU B 12 16.60 14.57 15.32
CA LEU B 12 15.33 14.92 15.94
C LEU B 12 14.33 14.90 14.78
N PHE B 13 13.16 14.29 15.03
CA PHE B 13 12.15 14.09 13.98
C PHE B 13 10.95 14.95 14.33
N VAL B 14 10.76 16.03 13.56
CA VAL B 14 9.69 16.95 13.81
C VAL B 14 8.74 16.87 12.63
N THR B 15 7.45 16.71 12.88
CA THR B 15 6.52 16.69 11.73
C THR B 15 5.64 17.92 11.85
N LEU B 16 5.11 18.39 10.70
CA LEU B 16 4.24 19.56 10.64
C LEU B 16 2.95 19.10 10.02
N GLU B 17 1.84 19.45 10.64
CA GLU B 17 0.56 19.03 10.16
C GLU B 17 -0.38 20.22 10.02
N GLY B 18 -1.29 20.14 9.07
CA GLY B 18 -2.27 21.19 8.86
C GLY B 18 -2.56 21.33 7.37
N PRO B 19 -3.52 22.18 7.03
CA PRO B 19 -3.93 22.36 5.63
C PRO B 19 -3.01 23.23 4.83
N GLU B 20 -3.18 23.18 3.52
CA GLU B 20 -2.50 24.12 2.65
C GLU B 20 -3.15 25.46 3.09
N GLY B 21 -2.45 26.56 2.95
CA GLY B 21 -3.02 27.84 3.39
C GLY B 21 -3.03 28.14 4.88
N ALA B 22 -2.19 27.45 5.65
CA ALA B 22 -2.08 27.75 7.08
C ALA B 22 -0.67 28.25 7.40
N GLY B 23 0.11 28.55 6.36
CA GLY B 23 1.47 29.06 6.50
C GLY B 23 2.48 28.01 6.94
N LYS B 24 2.15 26.73 6.73
CA LYS B 24 3.07 25.66 7.12
C LYS B 24 4.40 25.78 6.41
N SER B 25 4.37 25.97 5.10
CA SER B 25 5.62 26.05 4.38
C SER B 25 6.50 27.21 4.82
N THR B 26 5.90 28.38 5.02
CA THR B 26 6.67 29.57 5.42
C THR B 26 7.23 29.36 6.82
N ASN B 27 6.42 28.76 7.69
CA ASN B 27 6.83 28.53 9.05
C ASN B 27 7.87 27.42 9.14
N ARG B 28 7.81 26.46 8.22
CA ARG B 28 8.82 25.42 8.19
C ARG B 28 10.14 26.03 7.80
N ASP B 29 10.10 26.97 6.84
CA ASP B 29 11.33 27.60 6.38
C ASP B 29 11.88 28.48 7.50
N TYR B 30 10.98 29.13 8.25
CA TYR B 30 11.39 29.98 9.37
C TYR B 30 12.10 29.09 10.39
N LEU B 31 11.50 27.96 10.74
CA LEU B 31 12.12 27.07 11.71
C LEU B 31 13.43 26.55 11.23
N ALA B 32 13.48 26.19 9.95
CA ALA B 32 14.70 25.70 9.38
C ALA B 32 15.81 26.75 9.50
N GLU B 33 15.47 27.99 9.15
CA GLU B 33 16.45 29.10 9.19
C GLU B 33 17.00 29.29 10.60
N ARG B 34 16.11 29.30 11.58
CA ARG B 34 16.50 29.46 12.99
C ARG B 34 17.46 28.36 13.40
N LEU B 35 17.18 27.13 12.98
CA LEU B 35 18.07 26.01 13.33
C LEU B 35 19.40 26.08 12.58
N ARG B 36 19.36 26.41 11.30
CA ARG B 36 20.59 26.45 10.52
C ARG B 36 21.52 27.58 10.95
N GLU B 37 20.96 28.69 11.40
CA GLU B 37 21.78 29.81 11.87
C GLU B 37 22.52 29.46 13.16
N ARG B 38 22.07 28.39 13.81
CA ARG B 38 22.73 27.88 15.02
C ARG B 38 23.61 26.67 14.68
N GLY B 39 23.90 26.48 13.40
CA GLY B 39 24.80 25.42 12.93
C GLY B 39 24.28 23.99 12.96
N ILE B 40 22.96 23.84 13.06
CA ILE B 40 22.30 22.54 13.13
C ILE B 40 21.91 22.10 11.69
N GLU B 41 22.21 20.84 11.34
CA GLU B 41 21.86 20.26 10.04
C GLU B 41 20.39 19.97 10.03
N VAL B 42 19.69 20.45 9.00
CA VAL B 42 18.25 20.26 8.91
C VAL B 42 17.93 19.67 7.51
N GLN B 43 17.07 18.66 7.49
CA GLN B 43 16.64 18.05 6.23
C GLN B 43 15.13 18.29 6.14
N LEU B 44 14.69 18.86 5.02
CA LEU B 44 13.27 19.14 4.83
C LEU B 44 12.71 18.05 3.92
N THR B 45 11.50 17.58 4.21
CA THR B 45 10.91 16.51 3.40
C THR B 45 9.40 16.54 3.58
N ARG B 46 8.68 15.71 2.82
CA ARG B 46 7.22 15.72 2.87
C ARG B 46 6.65 14.33 2.57
N GLU B 47 5.43 14.13 3.03
CA GLU B 47 4.67 12.89 2.79
C GLU B 47 3.28 13.17 2.22
N PRO B 48 2.76 12.26 1.37
CA PRO B 48 3.53 11.15 0.79
C PRO B 48 4.56 11.75 -0.18
N GLY B 49 5.70 11.10 -0.31
CA GLY B 49 6.75 11.63 -1.19
C GLY B 49 8.10 11.52 -0.51
N GLY B 50 9.06 12.30 -1.00
CA GLY B 50 10.36 12.33 -0.33
C GLY B 50 11.46 11.49 -0.94
N THR B 51 11.08 10.59 -1.85
CA THR B 51 12.06 9.80 -2.61
C THR B 51 11.45 9.65 -3.99
N PRO B 52 12.26 9.25 -4.97
CA PRO B 52 11.65 9.12 -6.32
C PRO B 52 10.42 8.21 -6.39
N LEU B 53 10.50 7.00 -5.84
CA LEU B 53 9.37 6.08 -5.86
C LEU B 53 8.24 6.66 -5.02
N ALA B 54 8.55 7.21 -3.86
CA ALA B 54 7.47 7.78 -3.03
C ALA B 54 6.78 8.93 -3.72
N GLU B 55 7.53 9.70 -4.52
CA GLU B 55 6.87 10.79 -5.25
C GLU B 55 5.98 10.23 -6.38
N ARG B 56 6.35 9.10 -6.97
CA ARG B 56 5.47 8.49 -8.00
C ARG B 56 4.18 8.04 -7.27
N ILE B 57 4.31 7.51 -6.06
CA ILE B 57 3.12 7.14 -5.24
C ILE B 57 2.26 8.37 -4.91
N ARG B 58 2.91 9.49 -4.54
CA ARG B 58 2.18 10.75 -4.27
C ARG B 58 1.33 11.14 -5.51
N GLU B 59 1.94 11.03 -6.67
CA GLU B 59 1.24 11.39 -7.92
C GLU B 59 -0.07 10.60 -8.05
N LEU B 60 -0.01 9.29 -7.80
CA LEU B 60 -1.21 8.46 -7.84
C LEU B 60 -2.23 8.86 -6.77
N LEU B 61 -1.75 9.25 -5.60
CA LEU B 61 -2.64 9.61 -4.53
C LEU B 61 -3.36 10.96 -4.77
N LEU B 62 -2.67 11.87 -5.46
CA LEU B 62 -3.17 13.24 -5.66
C LEU B 62 -3.92 13.45 -6.97
N ALA B 63 -3.55 12.70 -8.00
CA ALA B 63 -4.19 12.88 -9.33
C ALA B 63 -5.68 12.52 -9.40
N PRO B 64 -6.54 13.48 -9.79
CA PRO B 64 -7.94 13.04 -9.86
C PRO B 64 -8.16 12.10 -11.04
N SER B 65 -9.20 11.29 -10.95
CA SER B 65 -9.47 10.31 -12.01
C SER B 65 -10.95 10.03 -12.05
N ASP B 66 -11.43 9.44 -13.15
CA ASP B 66 -12.83 9.04 -13.23
C ASP B 66 -13.11 7.77 -12.42
N GLU B 67 -12.06 7.05 -12.05
CA GLU B 67 -12.18 5.81 -11.28
C GLU B 67 -12.02 6.22 -9.82
N PRO B 68 -13.05 5.98 -8.99
CA PRO B 68 -13.00 6.37 -7.56
C PRO B 68 -11.94 5.48 -6.89
N MET B 69 -11.12 6.08 -6.04
CA MET B 69 -10.09 5.29 -5.32
C MET B 69 -10.73 4.79 -4.02
N ALA B 70 -10.63 3.49 -3.77
CA ALA B 70 -11.16 2.89 -2.56
C ALA B 70 -10.40 3.47 -1.36
N ALA B 71 -11.11 3.69 -0.25
CA ALA B 71 -10.44 4.24 0.93
C ALA B 71 -9.27 3.35 1.35
N ASP B 72 -9.45 2.02 1.31
CA ASP B 72 -8.37 1.11 1.74
C ASP B 72 -7.18 1.32 0.81
N THR B 73 -7.42 1.53 -0.48
CA THR B 73 -6.29 1.79 -1.37
C THR B 73 -5.49 3.05 -0.97
N GLU B 74 -6.20 4.12 -0.67
CA GLU B 74 -5.60 5.37 -0.29
C GLU B 74 -4.76 5.19 0.96
N LEU B 75 -5.31 4.48 1.92
CA LEU B 75 -4.60 4.24 3.19
C LEU B 75 -3.31 3.41 2.91
N LEU B 76 -3.44 2.36 2.10
CA LEU B 76 -2.31 1.47 1.84
C LEU B 76 -1.24 2.17 1.02
N LEU B 77 -1.63 3.02 0.07
CA LEU B 77 -0.64 3.79 -0.69
C LEU B 77 0.10 4.78 0.20
N MET B 78 -0.61 5.41 1.15
CA MET B 78 0.04 6.35 2.06
C MET B 78 1.11 5.62 2.88
N PHE B 79 0.76 4.43 3.38
CA PHE B 79 1.76 3.69 4.14
C PHE B 79 2.89 3.12 3.26
N ALA B 80 2.60 2.74 2.01
CA ALA B 80 3.66 2.26 1.13
C ALA B 80 4.68 3.40 0.93
N ALA B 81 4.20 4.61 0.68
CA ALA B 81 5.11 5.76 0.46
C ALA B 81 5.90 6.02 1.76
N ARG B 82 5.24 5.88 2.90
CA ARG B 82 5.88 6.07 4.22
C ARG B 82 7.01 5.06 4.45
N ALA B 83 6.74 3.78 4.18
CA ALA B 83 7.81 2.76 4.35
C ALA B 83 9.03 3.11 3.47
N GLN B 84 8.79 3.56 2.24
CA GLN B 84 9.94 3.84 1.36
C GLN B 84 10.74 5.05 1.87
N HIS B 85 9.99 6.07 2.31
CA HIS B 85 10.55 7.34 2.79
C HIS B 85 11.29 7.15 4.11
N LEU B 86 10.78 6.28 4.99
CA LEU B 86 11.50 6.00 6.25
C LEU B 86 12.85 5.38 5.97
N ALA B 87 12.86 4.37 5.12
CA ALA B 87 14.08 3.61 4.80
C ALA B 87 15.07 4.46 4.04
N GLY B 88 14.56 5.23 3.07
CA GLY B 88 15.41 5.98 2.21
C GLY B 88 15.92 7.31 2.69
N VAL B 89 15.13 8.00 3.51
CA VAL B 89 15.46 9.36 3.91
C VAL B 89 15.41 9.60 5.38
N ILE B 90 14.27 9.31 6.01
CA ILE B 90 14.12 9.63 7.43
C ILE B 90 15.11 8.93 8.37
N ARG B 91 15.16 7.60 8.34
CA ARG B 91 16.07 6.90 9.25
C ARG B 91 17.53 7.30 9.00
N PRO B 92 17.94 7.41 7.73
CA PRO B 92 19.36 7.79 7.49
C PRO B 92 19.64 9.22 8.01
N ALA B 93 18.69 10.13 7.81
CA ALA B 93 18.86 11.51 8.30
C ALA B 93 18.97 11.50 9.84
N LEU B 94 18.09 10.76 10.51
CA LEU B 94 18.16 10.74 11.97
C LEU B 94 19.50 10.10 12.44
N ALA B 95 19.94 9.07 11.75
CA ALA B 95 21.20 8.37 12.11
C ALA B 95 22.42 9.27 11.96
N ARG B 96 22.32 10.26 11.09
CA ARG B 96 23.42 11.19 10.90
C ARG B 96 23.33 12.44 11.79
N GLY B 97 22.34 12.46 12.69
CA GLY B 97 22.13 13.52 13.67
C GLY B 97 21.39 14.76 13.17
N ALA B 98 20.80 14.66 11.98
CA ALA B 98 20.09 15.79 11.39
C ALA B 98 18.73 16.00 12.08
N VAL B 99 18.21 17.23 12.02
CA VAL B 99 16.83 17.51 12.44
C VAL B 99 15.99 17.33 11.15
N VAL B 100 14.98 16.46 11.19
CA VAL B 100 14.12 16.21 9.99
C VAL B 100 12.85 17.03 10.19
N LEU B 101 12.53 17.90 9.24
CA LEU B 101 11.32 18.72 9.34
C LEU B 101 10.41 18.20 8.23
N CYS B 102 9.51 17.29 8.60
CA CYS B 102 8.70 16.59 7.58
C CYS B 102 7.27 17.15 7.48
N ASP B 103 6.87 17.57 6.28
CA ASP B 103 5.52 18.07 6.05
C ASP B 103 4.54 16.89 5.90
N ARG B 104 3.79 16.64 6.95
CA ARG B 104 2.80 15.56 7.11
C ARG B 104 3.44 14.19 7.38
N PHE B 105 2.77 13.43 8.24
CA PHE B 105 3.28 12.11 8.62
C PHE B 105 2.05 11.37 9.12
N THR B 106 2.24 10.39 9.98
CA THR B 106 1.13 9.50 10.37
C THR B 106 -0.05 10.20 11.03
N ASP B 107 0.16 11.35 11.69
CA ASP B 107 -1.00 12.05 12.20
C ASP B 107 -1.95 12.39 11.04
N ALA B 108 -1.40 12.73 9.88
CA ALA B 108 -2.23 13.00 8.68
C ALA B 108 -3.01 11.75 8.28
N THR B 109 -2.46 10.57 8.50
CA THR B 109 -3.20 9.32 8.22
C THR B 109 -4.41 9.24 9.13
N TYR B 110 -4.19 9.45 10.43
CA TYR B 110 -5.34 9.37 11.35
C TYR B 110 -6.38 10.41 11.00
N ALA B 111 -5.93 11.59 10.59
CA ALA B 111 -6.81 12.69 10.28
C ALA B 111 -7.57 12.52 8.98
N TYR B 112 -6.83 12.30 7.89
CA TYR B 112 -7.44 12.22 6.57
C TYR B 112 -8.09 10.86 6.35
N GLN B 113 -7.35 9.79 6.58
CA GLN B 113 -7.93 8.48 6.34
C GLN B 113 -8.82 7.97 7.45
N GLY B 114 -8.55 8.38 8.69
CA GLY B 114 -9.38 7.99 9.81
C GLY B 114 -10.60 8.90 9.94
N GLY B 115 -10.35 10.17 10.21
CA GLY B 115 -11.47 11.11 10.35
C GLY B 115 -12.20 11.36 9.06
N GLY B 116 -11.43 11.70 8.03
CA GLY B 116 -11.92 12.03 6.71
C GLY B 116 -12.64 10.90 6.00
N ARG B 117 -11.99 9.73 5.94
CA ARG B 117 -12.54 8.57 5.20
C ARG B 117 -13.33 7.61 6.05
N GLY B 118 -13.17 7.70 7.37
CA GLY B 118 -13.87 6.81 8.27
C GLY B 118 -13.24 5.47 8.52
N LEU B 119 -11.97 5.29 8.12
CA LEU B 119 -11.31 4.03 8.38
C LEU B 119 -11.02 3.88 9.88
N PRO B 120 -11.10 2.65 10.40
CA PRO B 120 -10.90 2.39 11.84
C PRO B 120 -9.52 2.79 12.36
N GLU B 121 -9.51 3.50 13.49
CA GLU B 121 -8.26 3.91 14.12
C GLU B 121 -7.36 2.71 14.38
N ALA B 122 -7.95 1.58 14.77
CA ALA B 122 -7.15 0.40 15.05
C ALA B 122 -6.43 -0.19 13.83
N ARG B 123 -6.99 0.00 12.64
CA ARG B 123 -6.34 -0.50 11.44
C ARG B 123 -5.16 0.42 11.15
N ILE B 124 -5.36 1.73 11.33
CA ILE B 124 -4.28 2.70 11.11
C ILE B 124 -3.16 2.42 12.08
N ALA B 125 -3.52 2.22 13.36
CA ALA B 125 -2.52 1.91 14.38
C ALA B 125 -1.73 0.63 14.10
N ALA B 126 -2.38 -0.40 13.56
CA ALA B 126 -1.72 -1.63 13.22
C ALA B 126 -0.69 -1.38 12.11
N LEU B 127 -1.04 -0.56 11.13
CA LEU B 127 -0.11 -0.26 10.04
C LEU B 127 1.01 0.62 10.53
N GLU B 128 0.70 1.53 11.45
CA GLU B 128 1.73 2.42 12.00
C GLU B 128 2.81 1.57 12.71
N SER B 129 2.35 0.61 13.52
CA SER B 129 3.30 -0.28 14.20
C SER B 129 4.11 -1.13 13.23
N PHE B 130 3.45 -1.67 12.21
CA PHE B 130 4.13 -2.52 11.25
C PHE B 130 5.21 -1.73 10.51
N VAL B 131 4.81 -0.59 9.95
CA VAL B 131 5.71 0.23 9.16
C VAL B 131 6.83 0.92 9.95
N GLN B 132 6.47 1.43 11.12
CA GLN B 132 7.42 2.22 11.87
C GLN B 132 8.12 1.55 13.02
N GLY B 133 7.63 0.41 13.46
CA GLY B 133 8.29 -0.15 14.64
C GLY B 133 7.97 0.79 15.79
N ASP B 134 8.96 1.15 16.61
CA ASP B 134 8.66 2.07 17.70
C ASP B 134 8.99 3.52 17.30
N LEU B 135 9.36 3.77 16.05
CA LEU B 135 9.70 5.16 15.69
C LEU B 135 8.46 6.05 15.65
N ARG B 136 8.53 7.20 16.34
CA ARG B 136 7.45 8.18 16.29
C ARG B 136 8.13 9.55 16.21
N PRO B 137 7.42 10.57 15.73
CA PRO B 137 8.07 11.89 15.77
C PRO B 137 8.38 12.31 17.21
N ASP B 138 9.43 13.08 17.36
CA ASP B 138 9.76 13.68 18.68
C ASP B 138 8.77 14.83 19.04
N LEU B 139 8.36 15.57 18.01
CA LEU B 139 7.48 16.70 18.18
C LEU B 139 6.69 16.90 16.92
N THR B 140 5.41 17.22 17.08
CA THR B 140 4.54 17.44 15.90
C THR B 140 3.89 18.81 16.08
N LEU B 141 4.06 19.69 15.10
CA LEU B 141 3.49 21.01 15.14
C LEU B 141 2.18 21.00 14.35
N VAL B 142 1.08 21.29 15.02
CA VAL B 142 -0.21 21.29 14.35
C VAL B 142 -0.57 22.72 14.00
N PHE B 143 -0.78 23.01 12.71
CA PHE B 143 -1.14 24.38 12.32
C PHE B 143 -2.66 24.41 12.19
N ASP B 144 -3.31 24.87 13.26
CA ASP B 144 -4.77 24.85 13.31
C ASP B 144 -5.35 26.11 12.70
N LEU B 145 -6.36 25.93 11.85
CA LEU B 145 -6.99 27.03 11.14
C LEU B 145 -8.45 26.64 10.93
N PRO B 146 -9.39 27.57 11.18
CA PRO B 146 -10.80 27.25 10.98
C PRO B 146 -11.00 26.86 9.54
N VAL B 147 -11.85 25.87 9.30
CA VAL B 147 -12.03 25.42 7.92
C VAL B 147 -12.69 26.50 7.08
N LEU B 160 -7.93 20.75 -9.15
CA LEU B 160 -7.78 20.44 -7.73
C LEU B 160 -7.27 19.00 -7.63
N ASP B 161 -6.54 18.69 -6.56
CA ASP B 161 -6.04 17.34 -6.33
C ASP B 161 -7.13 16.62 -5.57
N ARG B 162 -7.01 15.30 -5.43
CA ARG B 162 -8.07 14.56 -4.80
C ARG B 162 -8.50 15.08 -3.45
N PHE B 163 -7.54 15.55 -2.65
CA PHE B 163 -7.85 16.07 -1.31
C PHE B 163 -8.45 17.48 -1.35
N GLU B 164 -7.82 18.36 -2.14
CA GLU B 164 -8.31 19.74 -2.36
C GLU B 164 -9.77 19.78 -2.80
N GLN B 165 -10.23 18.70 -3.40
CA GLN B 165 -11.58 18.63 -3.93
C GLN B 165 -12.58 18.02 -2.97
N GLU B 166 -12.17 17.87 -1.72
CA GLU B 166 -13.07 17.31 -0.73
C GLU B 166 -13.90 18.44 -0.14
N ASP B 167 -15.00 18.11 0.52
CA ASP B 167 -15.92 19.12 1.04
C ASP B 167 -15.64 19.62 2.47
N ARG B 168 -16.48 20.52 2.97
CA ARG B 168 -16.26 21.09 4.29
C ARG B 168 -16.23 20.11 5.43
N ARG B 169 -17.18 19.18 5.46
CA ARG B 169 -17.24 18.21 6.54
C ARG B 169 -16.00 17.30 6.54
N PHE B 170 -15.46 17.02 5.35
CA PHE B 170 -14.25 16.18 5.30
C PHE B 170 -13.14 16.92 6.06
N PHE B 171 -12.96 18.17 5.71
CA PHE B 171 -11.90 19.00 6.28
C PHE B 171 -12.08 19.32 7.76
N GLU B 172 -13.32 19.38 8.20
CA GLU B 172 -13.60 19.59 9.63
C GLU B 172 -13.20 18.35 10.40
N ALA B 173 -13.50 17.17 9.82
CA ALA B 173 -13.13 15.91 10.45
C ALA B 173 -11.59 15.90 10.54
N VAL B 174 -10.92 16.32 9.47
CA VAL B 174 -9.45 16.36 9.48
C VAL B 174 -8.96 17.28 10.62
N ARG B 175 -9.46 18.52 10.61
CA ARG B 175 -9.08 19.51 11.60
C ARG B 175 -9.26 19.01 13.03
N GLN B 176 -10.41 18.41 13.30
CA GLN B 176 -10.69 17.95 14.65
C GLN B 176 -9.92 16.71 15.07
N THR B 177 -9.60 15.86 14.11
CA THR B 177 -8.83 14.69 14.46
C THR B 177 -7.43 15.15 14.91
N TYR B 178 -6.87 16.16 14.26
CA TYR B 178 -5.54 16.62 14.67
C TYR B 178 -5.62 17.18 16.08
N LEU B 179 -6.69 17.90 16.40
CA LEU B 179 -6.81 18.48 17.75
C LEU B 179 -6.95 17.40 18.78
N GLN B 180 -7.69 16.35 18.42
CA GLN B 180 -7.89 15.21 19.31
C GLN B 180 -6.57 14.46 19.54
N ARG B 181 -5.81 14.26 18.47
CA ARG B 181 -4.52 13.57 18.59
C ARG B 181 -3.61 14.36 19.55
N ALA B 182 -3.56 15.67 19.32
CA ALA B 182 -2.71 16.56 20.13
C ALA B 182 -3.11 16.53 21.61
N ALA B 183 -4.40 16.55 21.90
CA ALA B 183 -4.85 16.47 23.29
C ALA B 183 -4.48 15.14 23.95
N GLN B 184 -4.32 14.10 23.13
CA GLN B 184 -4.04 12.73 23.62
C GLN B 184 -2.62 12.57 24.18
N ALA B 185 -1.65 13.36 23.70
CA ALA B 185 -0.26 13.24 24.12
C ALA B 185 0.34 14.62 24.03
N PRO B 186 -0.12 15.52 24.89
CA PRO B 186 0.27 16.92 24.85
C PRO B 186 1.76 17.21 24.74
N GLU B 187 2.59 16.40 25.38
CA GLU B 187 4.03 16.58 25.39
C GLU B 187 4.70 16.31 24.04
N ARG B 188 3.97 15.71 23.11
CA ARG B 188 4.57 15.39 21.79
C ARG B 188 4.09 16.35 20.73
N TYR B 189 3.16 17.24 21.09
CA TYR B 189 2.53 18.17 20.15
C TYR B 189 2.60 19.64 20.58
N GLN B 190 2.55 20.54 19.60
CA GLN B 190 2.38 21.95 19.84
C GLN B 190 1.32 22.42 18.86
N VAL B 191 0.17 22.86 19.37
CA VAL B 191 -0.89 23.35 18.51
C VAL B 191 -0.66 24.84 18.30
N LEU B 192 -0.46 25.26 17.06
CA LEU B 192 -0.24 26.69 16.76
C LEU B 192 -1.53 27.18 16.09
N ASP B 193 -2.07 28.29 16.59
CA ASP B 193 -3.30 28.83 16.03
C ASP B 193 -2.89 29.60 14.79
N ALA B 194 -3.10 28.99 13.62
CA ALA B 194 -2.69 29.61 12.37
C ALA B 194 -3.65 30.72 11.96
N GLY B 195 -4.70 30.93 12.76
CA GLY B 195 -5.65 31.99 12.51
C GLY B 195 -5.13 33.30 13.08
N LEU B 196 -4.05 33.21 13.85
CA LEU B 196 -3.42 34.39 14.44
C LEU B 196 -2.54 35.04 13.40
N PRO B 197 -2.04 36.25 13.70
CA PRO B 197 -1.14 36.86 12.72
C PRO B 197 0.17 36.08 12.69
N LEU B 198 0.82 36.07 11.53
CA LEU B 198 2.07 35.35 11.31
C LEU B 198 3.12 35.62 12.36
N ALA B 199 3.26 36.89 12.75
CA ALA B 199 4.25 37.26 13.73
C ALA B 199 4.00 36.58 15.07
N GLU B 200 2.73 36.34 15.38
CA GLU B 200 2.36 35.70 16.61
C GLU B 200 2.69 34.21 16.50
N VAL B 201 2.41 33.64 15.34
CA VAL B 201 2.72 32.23 15.13
C VAL B 201 4.24 32.07 15.23
N GLN B 202 4.96 32.91 14.51
CA GLN B 202 6.41 32.83 14.55
C GLN B 202 7.04 33.09 15.92
N ALA B 203 6.43 33.94 16.74
CA ALA B 203 6.97 34.14 18.09
C ALA B 203 6.80 32.83 18.86
N GLY B 204 5.68 32.14 18.63
CA GLY B 204 5.44 30.84 19.26
C GLY B 204 6.57 29.89 18.87
N LEU B 205 6.97 29.92 17.60
CA LEU B 205 8.08 29.08 17.15
C LEU B 205 9.39 29.44 17.87
N ASP B 206 9.65 30.73 18.07
CA ASP B 206 10.84 31.14 18.82
C ASP B 206 10.79 30.58 20.24
N ARG B 207 9.61 30.56 20.84
CA ARG B 207 9.46 30.04 22.21
C ARG B 207 9.74 28.53 22.37
N LEU B 208 9.48 27.77 21.31
CA LEU B 208 9.70 26.34 21.35
C LEU B 208 11.12 25.95 20.95
N LEU B 209 11.89 26.90 20.41
CA LEU B 209 13.25 26.59 19.98
C LEU B 209 14.19 26.05 21.08
N PRO B 210 14.15 26.67 22.27
CA PRO B 210 15.02 26.15 23.32
C PRO B 210 14.74 24.70 23.65
N ASN B 211 13.48 24.30 23.59
CA ASN B 211 13.17 22.90 23.85
C ASN B 211 13.72 22.00 22.70
N LEU B 212 13.62 22.46 21.46
CA LEU B 212 14.14 21.69 20.31
C LEU B 212 15.65 21.48 20.46
N LEU B 213 16.35 22.58 20.70
CA LEU B 213 17.79 22.54 20.90
C LEU B 213 18.14 21.70 22.11
C1 0DJ C . 4.94 -10.67 -7.69
C2 0DJ C . 4.03 -10.75 -8.72
C3 0DJ C . 2.66 -10.70 -8.41
C4 0DJ C . 2.30 -10.58 -7.08
C5 0DJ C . 3.28 -10.52 -6.11
N6 0DJ C . 4.56 -10.55 -6.44
N7 0DJ C . 1.15 -10.50 -6.46
C8 0DJ C . 1.43 -10.36 -5.20
N9 0DJ C . 2.72 -10.38 -4.94
C10 0DJ C . -0.14 -10.52 -7.11
O11 0DJ C . 0.56 -10.23 -4.31
C12 0DJ C . 4.52 -10.86 -10.12
C13 0DJ C . 3.91 -10.12 -11.13
C14 0DJ C . 4.35 -10.20 -12.43
C15 0DJ C . 5.43 -11.02 -12.73
C16 0DJ C . 6.05 -11.73 -11.74
C17 0DJ C . 5.61 -11.64 -10.44
C18 0DJ C . 7.21 -12.65 -12.10
O19 0DJ C . 7.51 -13.56 -11.41
N20 0DJ C . 7.85 -12.43 -13.22
C1 0DJ D . -3.60 13.55 2.71
C2 0DJ D . -2.47 14.17 2.52
C3 0DJ D . -1.13 13.78 3.14
C4 0DJ D . -1.39 12.56 3.86
C5 0DJ D . -2.66 11.92 4.05
N6 0DJ D . -3.88 12.41 3.51
N7 0DJ D . -0.44 11.79 4.52
C8 0DJ D . -1.12 10.75 5.00
N9 0DJ D . -2.48 10.80 4.78
C10 0DJ D . 0.98 11.89 4.63
O11 0DJ D . -0.70 9.73 5.61
C12 0DJ D . -2.35 15.40 1.65
C13 0DJ D . -1.22 15.59 0.79
C14 0DJ D . -1.09 16.80 -0.07
C15 0DJ D . -2.18 17.76 0.08
C16 0DJ D . -3.26 17.49 0.93
C17 0DJ D . -3.43 16.33 1.74
C18 0DJ D . -4.48 18.58 1.03
O19 0DJ D . -5.13 18.62 2.16
N20 0DJ D . -4.58 19.38 -0.08
#